data_8DI1
#
_entry.id   8DI1
#
_cell.length_a   98.150
_cell.length_b   98.150
_cell.length_c   98.150
_cell.angle_alpha   90.000
_cell.angle_beta   90.000
_cell.angle_gamma   90.000
#
_symmetry.space_group_name_H-M   'P 2 3'
#
loop_
_entity.id
_entity.type
_entity.pdbx_description
1 polymer 'KDPG and KHG aldolase'
2 water water
#
_entity_poly.entity_id   1
_entity_poly.type   'polypeptide(L)'
_entity_poly.pdbx_seq_one_letter_code
;MINMARFDKKETIRTMTDTGLVPVFCSCDVEVAKQVIRACYNGGVRVFEFTNREEAAHEVFGAVSRWIVEACPEMILGVG
SIVDAPTASLYLQSGANFVVGPLTNPDIAKVCNRRLVPYIPGCGSVSEVGYAQELGCDICKVFPGDVLGPGFVKALKAPM
PWSQVMVTGGVKPKEANLKAWFDAGATCVGMGSNLFPPEAIASGNWEKITDICAQALGVIREVRKE
;
_entity_poly.pdbx_strand_id   A
#
# COMPACT_ATOMS: atom_id res chain seq x y z
N ALA A 5 5.85 0.63 16.16
CA ALA A 5 4.96 0.80 17.32
C ALA A 5 3.50 0.57 16.91
N ARG A 6 2.77 1.68 16.75
CA ARG A 6 1.44 1.69 16.15
C ARG A 6 1.06 3.12 15.81
N PHE A 7 0.57 3.35 14.60
CA PHE A 7 0.38 4.69 14.06
C PHE A 7 -1.11 4.91 13.81
N ASP A 8 -1.62 6.06 14.24
CA ASP A 8 -3.04 6.31 14.05
C ASP A 8 -3.32 6.67 12.59
N LYS A 9 -4.62 6.78 12.27
CA LYS A 9 -5.02 7.03 10.89
C LYS A 9 -4.38 8.30 10.35
N LYS A 10 -4.26 9.33 11.18
CA LYS A 10 -3.70 10.61 10.76
C LYS A 10 -2.28 10.44 10.23
N GLU A 11 -1.40 9.82 11.02
CA GLU A 11 -0.02 9.61 10.56
C GLU A 11 0.03 8.73 9.33
N THR A 12 -0.75 7.66 9.32
CA THR A 12 -0.70 6.71 8.21
C THR A 12 -1.10 7.39 6.89
N ILE A 13 -2.21 8.12 6.91
CA ILE A 13 -2.64 8.85 5.71
C ILE A 13 -1.58 9.86 5.28
N ARG A 14 -1.05 10.61 6.25
CA ARG A 14 -0.03 11.62 5.93
C ARG A 14 1.23 10.98 5.36
N THR A 15 1.71 9.92 6.01
CA THR A 15 2.94 9.26 5.55
C THR A 15 2.74 8.64 4.17
N MET A 16 1.58 8.01 3.95
CA MET A 16 1.26 7.49 2.62
C MET A 16 1.22 8.61 1.59
N THR A 17 0.61 9.74 1.96
CA THR A 17 0.51 10.87 1.04
C THR A 17 1.89 11.45 0.72
N ASP A 18 2.75 11.59 1.73
CA ASP A 18 4.00 12.30 1.53
C ASP A 18 5.01 11.44 0.75
N THR A 19 5.20 10.19 1.17
CA THR A 19 6.13 9.32 0.46
C THR A 19 5.58 8.91 -0.91
N GLY A 20 4.29 8.56 -0.98
CA GLY A 20 3.65 8.25 -2.23
C GLY A 20 3.93 6.87 -2.79
N LEU A 21 4.64 6.01 -2.05
CA LEU A 21 4.99 4.69 -2.53
C LEU A 21 4.70 3.66 -1.44
N VAL A 22 3.94 2.64 -1.78
CA VAL A 22 3.60 1.56 -0.86
C VAL A 22 4.06 0.24 -1.48
N PRO A 23 5.21 -0.27 -1.06
CA PRO A 23 5.63 -1.60 -1.53
C PRO A 23 4.64 -2.67 -1.09
N VAL A 24 4.45 -3.65 -1.96
CA VAL A 24 3.50 -4.74 -1.76
C VAL A 24 4.27 -6.04 -1.81
N PHE A 25 4.37 -6.73 -0.67
CA PHE A 25 5.19 -7.92 -0.60
C PHE A 25 4.45 -9.07 0.06
N CYS A 26 4.85 -10.28 -0.34
CA CYS A 26 4.24 -11.52 0.12
C CYS A 26 4.58 -11.83 1.58
N SER A 27 3.74 -12.66 2.18
CA SER A 27 3.98 -13.16 3.54
C SER A 27 4.50 -14.60 3.48
N CYS A 28 5.57 -14.79 2.71
CA CYS A 28 6.20 -16.09 2.54
C CYS A 28 7.02 -16.49 3.77
N ASP A 29 8.21 -15.91 3.89
CA ASP A 29 9.19 -16.27 4.90
C ASP A 29 9.44 -15.07 5.81
N VAL A 30 9.50 -15.32 7.11
CA VAL A 30 9.70 -14.23 8.07
C VAL A 30 11.06 -13.60 7.88
N GLU A 31 12.10 -14.41 7.67
CA GLU A 31 13.45 -13.87 7.55
C GLU A 31 13.63 -13.12 6.24
N VAL A 32 13.05 -13.62 5.15
CA VAL A 32 13.11 -12.89 3.89
C VAL A 32 12.34 -11.59 3.99
N ALA A 33 11.18 -11.62 4.66
CA ALA A 33 10.39 -10.41 4.83
C ALA A 33 11.15 -9.34 5.58
N LYS A 34 11.89 -9.73 6.62
CA LYS A 34 12.68 -8.77 7.39
C LYS A 34 13.71 -8.09 6.50
N GLN A 35 14.39 -8.84 5.64
CA GLN A 35 15.41 -8.26 4.79
C GLN A 35 14.82 -7.30 3.77
N VAL A 36 13.68 -7.67 3.16
CA VAL A 36 13.03 -6.79 2.21
C VAL A 36 12.59 -5.50 2.90
N ILE A 37 12.03 -5.62 4.11
CA ILE A 37 11.62 -4.43 4.85
C ILE A 37 12.82 -3.57 5.22
N ARG A 38 13.91 -4.20 5.66
CA ARG A 38 15.14 -3.47 5.95
C ARG A 38 15.62 -2.72 4.71
N ALA A 39 15.67 -3.39 3.57
CA ALA A 39 16.13 -2.74 2.34
C ALA A 39 15.21 -1.60 1.94
N CYS A 40 13.89 -1.79 2.08
CA CYS A 40 12.95 -0.74 1.73
C CYS A 40 13.08 0.44 2.69
N TYR A 41 13.16 0.15 3.99
CA TYR A 41 13.33 1.18 5.01
C TYR A 41 14.55 2.04 4.72
N ASN A 42 15.67 1.40 4.38
CA ASN A 42 16.89 2.14 4.07
C ASN A 42 16.69 3.04 2.86
N GLY A 43 15.91 2.57 1.88
CA GLY A 43 15.58 3.38 0.72
C GLY A 43 14.65 4.55 0.98
N GLY A 44 14.14 4.68 2.20
CA GLY A 44 13.23 5.75 2.55
C GLY A 44 11.76 5.35 2.64
N VAL A 45 11.43 4.08 2.40
CA VAL A 45 10.04 3.64 2.46
C VAL A 45 9.57 3.68 3.91
N ARG A 46 8.38 4.24 4.13
CA ARG A 46 7.82 4.34 5.47
C ARG A 46 6.45 3.67 5.62
N VAL A 47 5.85 3.20 4.53
CA VAL A 47 4.60 2.45 4.57
C VAL A 47 4.80 1.17 3.77
N PHE A 48 4.42 0.04 4.36
CA PHE A 48 4.70 -1.27 3.77
C PHE A 48 3.49 -2.17 3.90
N GLU A 49 3.08 -2.78 2.79
CA GLU A 49 1.88 -3.60 2.74
C GLU A 49 2.26 -5.07 2.57
N PHE A 50 1.88 -5.88 3.56
CA PHE A 50 1.98 -7.33 3.47
C PHE A 50 0.67 -7.88 2.88
N THR A 51 0.79 -8.87 2.00
CA THR A 51 -0.39 -9.47 1.40
C THR A 51 -0.77 -10.75 2.13
N ASN A 52 -2.09 -10.98 2.20
CA ASN A 52 -2.65 -12.16 2.85
C ASN A 52 -2.95 -13.23 1.80
N ARG A 53 -1.87 -13.85 1.28
CA ARG A 53 -1.99 -14.76 0.16
C ARG A 53 -1.46 -16.18 0.40
N GLU A 54 -0.54 -16.39 1.34
CA GLU A 54 -0.09 -17.75 1.63
C GLU A 54 -0.73 -18.26 2.92
N GLU A 55 -0.57 -19.56 3.14
CA GLU A 55 -1.19 -20.20 4.29
C GLU A 55 -0.61 -19.65 5.58
N ALA A 56 -1.50 -19.36 6.53
CA ALA A 56 -1.12 -18.76 7.82
C ALA A 56 -0.25 -17.52 7.61
N ALA A 57 -0.61 -16.70 6.62
CA ALA A 57 0.14 -15.49 6.34
C ALA A 57 0.12 -14.53 7.54
N HIS A 58 -0.96 -14.54 8.31
CA HIS A 58 -1.06 -13.67 9.47
C HIS A 58 -0.03 -14.02 10.54
N GLU A 59 0.50 -15.26 10.52
CA GLU A 59 1.53 -15.65 11.47
C GLU A 59 2.88 -15.05 11.08
N VAL A 60 3.17 -15.00 9.78
CA VAL A 60 4.35 -14.26 9.31
C VAL A 60 4.21 -12.79 9.67
N PHE A 61 3.02 -12.23 9.43
CA PHE A 61 2.79 -10.81 9.72
C PHE A 61 3.00 -10.51 11.20
N GLY A 62 2.46 -11.36 12.07
CA GLY A 62 2.62 -11.14 13.50
C GLY A 62 4.07 -11.13 13.95
N ALA A 63 4.85 -12.08 13.44
CA ALA A 63 6.27 -12.12 13.78
C ALA A 63 6.98 -10.85 13.33
N VAL A 64 6.74 -10.43 12.08
CA VAL A 64 7.38 -9.22 11.57
C VAL A 64 6.92 -8.01 12.35
N SER A 65 5.63 -7.97 12.71
CA SER A 65 5.07 -6.81 13.39
C SER A 65 5.74 -6.56 14.73
N ARG A 66 5.98 -7.63 15.50
CA ARG A 66 6.65 -7.46 16.78
C ARG A 66 8.13 -7.12 16.61
N TRP A 67 8.75 -7.63 15.54
CA TRP A 67 10.16 -7.36 15.29
C TRP A 67 10.37 -5.94 14.79
N ILE A 68 9.45 -5.45 13.95
CA ILE A 68 9.67 -4.18 13.26
C ILE A 68 9.70 -2.98 14.21
N VAL A 69 9.12 -3.12 15.41
CA VAL A 69 9.03 -1.98 16.32
C VAL A 69 10.41 -1.42 16.64
N GLU A 70 11.37 -2.30 16.93
CA GLU A 70 12.72 -1.85 17.23
C GLU A 70 13.59 -1.75 15.98
N ALA A 71 13.43 -2.67 15.02
CA ALA A 71 14.29 -2.70 13.86
C ALA A 71 14.05 -1.50 12.96
N CYS A 72 12.81 -1.31 12.52
CA CYS A 72 12.43 -0.20 11.64
C CYS A 72 11.30 0.56 12.35
N PRO A 73 11.64 1.39 13.33
CA PRO A 73 10.60 1.96 14.21
C PRO A 73 9.69 2.97 13.54
N GLU A 74 10.05 3.49 12.36
CA GLU A 74 9.20 4.43 11.65
C GLU A 74 8.41 3.78 10.50
N MET A 75 8.61 2.49 10.25
CA MET A 75 7.84 1.79 9.24
C MET A 75 6.40 1.56 9.69
N ILE A 76 5.45 1.97 8.86
CA ILE A 76 4.03 1.77 9.12
C ILE A 76 3.60 0.54 8.33
N LEU A 77 3.24 -0.52 9.04
CA LEU A 77 2.92 -1.81 8.46
C LEU A 77 1.41 -1.96 8.28
N GLY A 78 1.01 -2.49 7.12
CA GLY A 78 -0.39 -2.78 6.85
C GLY A 78 -0.53 -4.08 6.08
N VAL A 79 -1.77 -4.46 5.83
CA VAL A 79 -2.08 -5.74 5.20
C VAL A 79 -2.94 -5.50 3.96
N GLY A 80 -2.77 -6.38 2.97
CA GLY A 80 -3.53 -6.31 1.73
C GLY A 80 -4.15 -7.65 1.37
N SER A 81 -4.87 -7.64 0.25
CA SER A 81 -5.57 -8.81 -0.28
C SER A 81 -6.66 -9.30 0.68
N ILE A 82 -7.33 -8.39 1.39
CA ILE A 82 -8.38 -8.74 2.33
C ILE A 82 -9.72 -8.64 1.63
N VAL A 83 -10.56 -9.66 1.79
CA VAL A 83 -11.87 -9.70 1.16
C VAL A 83 -13.00 -9.96 2.15
N ASP A 84 -12.71 -10.19 3.43
CA ASP A 84 -13.77 -10.40 4.40
C ASP A 84 -13.39 -9.72 5.71
N ALA A 85 -14.41 -9.35 6.49
CA ALA A 85 -14.28 -8.54 7.68
C ALA A 85 -13.53 -9.24 8.81
N PRO A 86 -13.83 -10.51 9.13
CA PRO A 86 -13.10 -11.16 10.23
C PRO A 86 -11.60 -11.25 10.00
N THR A 87 -11.14 -11.42 8.76
CA THR A 87 -9.71 -11.45 8.51
C THR A 87 -9.10 -10.07 8.70
N ALA A 88 -9.81 -9.01 8.32
CA ALA A 88 -9.36 -7.66 8.62
C ALA A 88 -9.21 -7.45 10.12
N SER A 89 -10.18 -7.94 10.90
CA SER A 89 -10.10 -7.82 12.35
C SER A 89 -8.89 -8.57 12.90
N LEU A 90 -8.60 -9.75 12.33
CA LEU A 90 -7.45 -10.54 12.79
C LEU A 90 -6.15 -9.77 12.61
N TYR A 91 -5.98 -9.09 11.48
CA TYR A 91 -4.75 -8.33 11.27
C TYR A 91 -4.70 -7.06 12.12
N LEU A 92 -5.86 -6.47 12.43
CA LEU A 92 -5.88 -5.38 13.39
C LEU A 92 -5.37 -5.84 14.75
N GLN A 93 -5.74 -7.06 15.16
CA GLN A 93 -5.20 -7.65 16.37
C GLN A 93 -3.70 -7.84 16.28
N SER A 94 -3.17 -8.09 15.09
CA SER A 94 -1.76 -8.32 14.87
C SER A 94 -0.96 -7.04 14.67
N GLY A 95 -1.61 -5.88 14.69
CA GLY A 95 -0.92 -4.61 14.59
C GLY A 95 -1.01 -3.90 13.25
N ALA A 96 -1.82 -4.40 12.32
CA ALA A 96 -1.96 -3.73 11.03
C ALA A 96 -2.47 -2.30 11.22
N ASN A 97 -1.80 -1.35 10.58
CA ASN A 97 -2.17 0.05 10.68
C ASN A 97 -3.06 0.51 9.54
N PHE A 98 -3.19 -0.28 8.48
CA PHE A 98 -4.11 -0.01 7.40
C PHE A 98 -4.48 -1.34 6.75
N VAL A 99 -5.65 -1.38 6.13
CA VAL A 99 -6.16 -2.59 5.51
C VAL A 99 -6.50 -2.29 4.06
N VAL A 100 -5.95 -3.06 3.14
CA VAL A 100 -6.13 -2.87 1.71
C VAL A 100 -6.70 -4.15 1.13
N GLY A 101 -7.45 -4.02 0.05
CA GLY A 101 -8.02 -5.17 -0.62
C GLY A 101 -8.15 -4.94 -2.10
N PRO A 102 -8.31 -6.02 -2.87
CA PRO A 102 -8.51 -5.88 -4.33
C PRO A 102 -9.92 -5.46 -4.70
N LEU A 103 -10.84 -5.47 -3.73
CA LEU A 103 -12.23 -5.14 -3.96
C LEU A 103 -12.73 -4.29 -2.81
N THR A 104 -14.02 -3.97 -2.84
CA THR A 104 -14.68 -3.22 -1.77
C THR A 104 -15.67 -4.12 -1.05
N ASN A 105 -15.54 -4.21 0.26
CA ASN A 105 -16.48 -4.96 1.10
C ASN A 105 -16.91 -4.05 2.24
N PRO A 106 -18.17 -3.63 2.28
CA PRO A 106 -18.59 -2.69 3.33
C PRO A 106 -18.44 -3.22 4.74
N ASP A 107 -18.51 -4.55 4.93
CA ASP A 107 -18.30 -5.11 6.26
C ASP A 107 -16.88 -4.82 6.76
N ILE A 108 -15.89 -4.82 5.86
CA ILE A 108 -14.53 -4.48 6.25
C ILE A 108 -14.45 -3.03 6.71
N ALA A 109 -15.09 -2.13 5.95
CA ALA A 109 -15.13 -0.72 6.33
C ALA A 109 -15.67 -0.56 7.74
N LYS A 110 -16.75 -1.26 8.06
CA LYS A 110 -17.37 -1.18 9.38
C LYS A 110 -16.38 -1.59 10.47
N VAL A 111 -15.67 -2.71 10.27
CA VAL A 111 -14.73 -3.20 11.26
C VAL A 111 -13.52 -2.29 11.37
N CYS A 112 -13.05 -1.73 10.25
CA CYS A 112 -11.91 -0.81 10.30
C CYS A 112 -12.31 0.53 10.90
N ASN A 113 -13.48 1.05 10.52
CA ASN A 113 -13.94 2.32 11.08
C ASN A 113 -14.06 2.24 12.61
N ARG A 114 -14.44 1.06 13.12
CA ARG A 114 -14.61 0.88 14.56
C ARG A 114 -13.34 1.17 15.35
N ARG A 115 -12.17 1.08 14.72
CA ARG A 115 -10.91 1.39 15.38
C ARG A 115 -10.18 2.54 14.69
N LEU A 116 -10.87 3.29 13.85
CA LEU A 116 -10.29 4.40 13.09
C LEU A 116 -9.02 3.96 12.36
N VAL A 117 -9.06 2.75 11.83
CA VAL A 117 -7.96 2.21 11.01
C VAL A 117 -8.31 2.41 9.54
N PRO A 118 -7.45 3.05 8.75
CA PRO A 118 -7.82 3.36 7.36
C PRO A 118 -8.00 2.09 6.54
N TYR A 119 -9.14 2.00 5.85
CA TYR A 119 -9.46 0.93 4.93
C TYR A 119 -9.33 1.46 3.51
N ILE A 120 -8.54 0.79 2.68
CA ILE A 120 -8.29 1.24 1.32
C ILE A 120 -8.82 0.19 0.35
N PRO A 121 -10.08 0.29 -0.05
CA PRO A 121 -10.68 -0.76 -0.87
C PRO A 121 -10.36 -0.61 -2.35
N GLY A 122 -10.33 -1.75 -3.03
CA GLY A 122 -10.12 -1.74 -4.47
C GLY A 122 -11.38 -1.28 -5.18
N CYS A 123 -11.21 -0.33 -6.10
CA CYS A 123 -12.30 0.23 -6.87
C CYS A 123 -11.93 0.19 -8.35
N GLY A 124 -12.94 -0.03 -9.20
CA GLY A 124 -12.70 -0.16 -10.62
C GLY A 124 -13.63 0.70 -11.47
N SER A 125 -14.35 1.60 -10.82
CA SER A 125 -15.26 2.50 -11.50
C SER A 125 -15.43 3.73 -10.62
N VAL A 126 -15.91 4.82 -11.23
CA VAL A 126 -16.10 6.05 -10.47
C VAL A 126 -17.19 5.86 -9.42
N SER A 127 -18.24 5.10 -9.74
CA SER A 127 -19.26 4.81 -8.75
C SER A 127 -18.69 4.03 -7.57
N GLU A 128 -17.81 3.08 -7.85
CA GLU A 128 -17.20 2.30 -6.76
C GLU A 128 -16.32 3.18 -5.88
N VAL A 129 -15.63 4.16 -6.48
CA VAL A 129 -14.88 5.13 -5.70
C VAL A 129 -15.82 5.92 -4.80
N GLY A 130 -16.97 6.36 -5.34
CA GLY A 130 -17.90 7.14 -4.56
C GLY A 130 -18.53 6.36 -3.41
N TYR A 131 -18.92 5.11 -3.66
CA TYR A 131 -19.48 4.29 -2.58
CA TYR A 131 -19.48 4.30 -2.58
C TYR A 131 -18.46 4.07 -1.48
N ALA A 132 -17.20 3.81 -1.85
CA ALA A 132 -16.16 3.65 -0.85
C ALA A 132 -16.02 4.92 -0.01
N GLN A 133 -16.06 6.09 -0.66
CA GLN A 133 -16.03 7.34 0.08
C GLN A 133 -17.21 7.45 1.03
N GLU A 134 -18.41 7.08 0.56
CA GLU A 134 -19.59 7.08 1.43
C GLU A 134 -19.37 6.24 2.67
N LEU A 135 -18.59 5.16 2.56
CA LEU A 135 -18.32 4.27 3.68
C LEU A 135 -17.32 4.85 4.67
N GLY A 136 -16.67 5.96 4.35
CA GLY A 136 -15.67 6.55 5.22
C GLY A 136 -14.24 6.34 4.78
N CYS A 137 -14.02 5.71 3.63
CA CYS A 137 -12.66 5.47 3.15
C CYS A 137 -12.07 6.77 2.60
N ASP A 138 -10.92 7.16 3.14
CA ASP A 138 -10.26 8.38 2.68
C ASP A 138 -9.47 8.14 1.40
N ILE A 139 -8.83 6.98 1.28
CA ILE A 139 -8.06 6.61 0.11
C ILE A 139 -8.70 5.38 -0.49
N CYS A 140 -8.99 5.43 -1.79
CA CYS A 140 -9.49 4.28 -2.54
C CYS A 140 -8.38 3.75 -3.43
N LYS A 141 -8.35 2.43 -3.58
CA LYS A 141 -7.37 1.77 -4.42
C LYS A 141 -7.95 1.60 -5.83
N VAL A 142 -7.35 2.27 -6.80
CA VAL A 142 -7.72 2.10 -8.20
C VAL A 142 -7.03 0.83 -8.69
N PHE A 143 -7.80 -0.21 -8.99
CA PHE A 143 -7.22 -1.51 -9.25
C PHE A 143 -8.06 -2.33 -10.22
N PRO A 144 -7.44 -2.91 -11.26
CA PRO A 144 -6.01 -2.79 -11.59
C PRO A 144 -5.70 -1.53 -12.41
N GLY A 145 -4.62 -0.83 -12.03
CA GLY A 145 -4.34 0.46 -12.63
C GLY A 145 -3.99 0.38 -14.11
N ASP A 146 -3.25 -0.67 -14.49
CA ASP A 146 -2.89 -0.85 -15.90
C ASP A 146 -4.13 -0.99 -16.77
N VAL A 147 -5.23 -1.50 -16.21
CA VAL A 147 -6.45 -1.66 -16.97
C VAL A 147 -7.17 -0.32 -17.12
N LEU A 148 -7.28 0.43 -16.02
CA LEU A 148 -8.03 1.68 -16.05
C LEU A 148 -7.19 2.84 -16.59
N GLY A 149 -5.90 2.88 -16.23
CA GLY A 149 -4.99 3.84 -16.81
C GLY A 149 -5.04 5.20 -16.13
N PRO A 150 -4.00 6.00 -16.36
CA PRO A 150 -3.96 7.34 -15.75
C PRO A 150 -5.15 8.21 -16.09
N GLY A 151 -5.74 8.04 -17.28
CA GLY A 151 -6.90 8.84 -17.64
C GLY A 151 -8.08 8.64 -16.70
N PHE A 152 -8.24 7.43 -16.17
CA PHE A 152 -9.30 7.17 -15.20
C PHE A 152 -9.16 8.08 -13.99
N VAL A 153 -7.94 8.21 -13.46
CA VAL A 153 -7.70 9.05 -12.30
C VAL A 153 -7.94 10.52 -12.65
N LYS A 154 -7.40 10.95 -13.80
CA LYS A 154 -7.58 12.33 -14.23
C LYS A 154 -9.06 12.67 -14.43
N ALA A 155 -9.81 11.77 -15.06
CA ALA A 155 -11.22 12.03 -15.31
C ALA A 155 -12.01 12.10 -14.01
N LEU A 156 -11.70 11.22 -13.06
CA LEU A 156 -12.43 11.19 -11.80
C LEU A 156 -12.16 12.44 -10.97
N LYS A 157 -10.91 12.91 -10.95
CA LYS A 157 -10.54 13.98 -10.04
C LYS A 157 -11.12 15.33 -10.44
N ALA A 158 -11.55 15.49 -11.70
CA ALA A 158 -12.12 16.78 -12.09
C ALA A 158 -13.47 17.03 -11.42
N PRO A 159 -14.47 16.15 -11.55
CA PRO A 159 -15.71 16.37 -10.77
C PRO A 159 -15.59 16.01 -9.31
N MET A 160 -14.62 15.17 -8.93
CA MET A 160 -14.45 14.72 -7.55
C MET A 160 -13.05 15.07 -7.06
N PRO A 161 -12.74 16.36 -6.91
CA PRO A 161 -11.36 16.73 -6.54
C PRO A 161 -10.95 16.29 -5.16
N TRP A 162 -11.91 16.01 -4.27
CA TRP A 162 -11.58 15.51 -2.94
C TRP A 162 -11.02 14.10 -2.95
N SER A 163 -11.18 13.37 -4.05
CA SER A 163 -10.78 11.98 -4.08
C SER A 163 -9.27 11.83 -3.88
N GLN A 164 -8.90 10.82 -3.09
CA GLN A 164 -7.51 10.41 -2.93
C GLN A 164 -7.42 8.96 -3.36
N VAL A 165 -6.51 8.68 -4.29
CA VAL A 165 -6.45 7.36 -4.92
C VAL A 165 -5.06 6.79 -4.77
N MET A 166 -5.00 5.53 -4.34
CA MET A 166 -3.80 4.70 -4.46
C MET A 166 -3.94 3.86 -5.72
N VAL A 167 -2.94 3.91 -6.58
CA VAL A 167 -2.96 3.14 -7.82
C VAL A 167 -2.07 1.91 -7.66
N THR A 168 -2.61 0.75 -8.00
CA THR A 168 -1.89 -0.51 -7.88
C THR A 168 -2.15 -1.33 -9.13
N GLY A 169 -1.09 -1.92 -9.69
CA GLY A 169 -1.21 -2.70 -10.90
C GLY A 169 -0.79 -1.91 -12.13
N GLY A 170 0.28 -2.35 -12.77
CA GLY A 170 0.76 -1.63 -13.94
C GLY A 170 1.52 -0.36 -13.63
N VAL A 171 1.97 -0.19 -12.39
CA VAL A 171 2.84 0.91 -12.01
C VAL A 171 4.28 0.41 -12.04
N LYS A 172 5.17 1.21 -12.60
CA LYS A 172 6.57 0.83 -12.69
C LYS A 172 7.45 1.88 -12.03
N PRO A 173 8.61 1.48 -11.46
CA PRO A 173 9.55 2.43 -10.86
C PRO A 173 10.37 3.17 -11.91
N LYS A 174 9.71 3.63 -12.96
CA LYS A 174 10.31 4.40 -14.03
C LYS A 174 9.71 5.80 -14.05
N GLU A 175 10.53 6.79 -14.40
CA GLU A 175 10.10 8.18 -14.28
C GLU A 175 8.90 8.48 -15.17
N ALA A 176 8.92 7.97 -16.41
CA ALA A 176 7.81 8.25 -17.31
C ALA A 176 6.50 7.65 -16.79
N ASN A 177 6.57 6.45 -16.21
CA ASN A 177 5.37 5.82 -15.66
C ASN A 177 4.88 6.56 -14.42
N LEU A 178 5.80 6.92 -13.52
CA LEU A 178 5.40 7.58 -12.29
C LEU A 178 4.87 8.98 -12.54
N LYS A 179 5.50 9.71 -13.47
CA LYS A 179 5.01 11.04 -13.83
C LYS A 179 3.58 10.95 -14.35
N ALA A 180 3.28 9.96 -15.19
CA ALA A 180 1.95 9.83 -15.75
C ALA A 180 0.90 9.65 -14.65
N TRP A 181 1.21 8.83 -13.65
CA TRP A 181 0.22 8.54 -12.60
C TRP A 181 0.04 9.73 -11.67
N PHE A 182 1.14 10.40 -11.29
CA PHE A 182 1.01 11.50 -10.33
C PHE A 182 0.54 12.78 -11.00
N ASP A 183 0.92 13.02 -12.26
CA ASP A 183 0.32 14.11 -13.01
C ASP A 183 -1.19 13.93 -13.13
N ALA A 184 -1.64 12.67 -13.25
CA ALA A 184 -3.06 12.39 -13.34
C ALA A 184 -3.80 12.68 -12.04
N GLY A 185 -3.09 12.65 -10.91
CA GLY A 185 -3.70 13.01 -9.65
C GLY A 185 -3.61 11.96 -8.55
N ALA A 186 -2.85 10.89 -8.80
CA ALA A 186 -2.70 9.84 -7.80
C ALA A 186 -2.00 10.38 -6.56
N THR A 187 -2.44 9.90 -5.39
CA THR A 187 -1.82 10.28 -4.13
C THR A 187 -0.63 9.40 -3.78
N CYS A 188 -0.74 8.10 -4.07
CA CYS A 188 0.34 7.16 -3.85
C CYS A 188 0.17 6.01 -4.83
N VAL A 189 1.21 5.20 -4.96
CA VAL A 189 1.16 4.03 -5.84
C VAL A 189 1.65 2.82 -5.06
N GLY A 190 1.09 1.66 -5.39
CA GLY A 190 1.51 0.39 -4.84
C GLY A 190 2.24 -0.41 -5.90
N MET A 191 3.32 -1.09 -5.49
CA MET A 191 4.12 -1.87 -6.41
C MET A 191 4.65 -3.12 -5.71
N GLY A 192 4.70 -4.22 -6.45
CA GLY A 192 5.23 -5.46 -5.91
C GLY A 192 6.41 -5.98 -6.69
N SER A 193 6.13 -6.70 -7.78
CA SER A 193 7.20 -7.34 -8.56
C SER A 193 8.24 -6.34 -9.03
N ASN A 194 7.82 -5.14 -9.44
CA ASN A 194 8.73 -4.18 -10.03
C ASN A 194 9.65 -3.53 -9.00
N LEU A 195 9.28 -3.54 -7.73
CA LEU A 195 10.18 -3.03 -6.69
C LEU A 195 11.20 -4.07 -6.27
N PHE A 196 10.81 -5.35 -6.28
CA PHE A 196 11.69 -6.44 -5.89
C PHE A 196 11.81 -7.41 -7.07
N PRO A 197 12.81 -7.23 -7.94
CA PRO A 197 13.12 -8.25 -8.93
C PRO A 197 13.35 -9.58 -8.25
N PRO A 198 12.68 -10.64 -8.69
CA PRO A 198 12.88 -11.95 -8.04
C PRO A 198 14.32 -12.40 -8.05
N GLU A 199 15.09 -11.99 -9.07
CA GLU A 199 16.52 -12.23 -9.11
C GLU A 199 17.20 -11.66 -7.88
N ALA A 200 16.87 -10.41 -7.53
CA ALA A 200 17.58 -9.72 -6.46
C ALA A 200 17.30 -10.35 -5.09
N ILE A 201 16.06 -10.79 -4.87
CA ILE A 201 15.72 -11.44 -3.61
C ILE A 201 16.47 -12.76 -3.48
N ALA A 202 16.40 -13.58 -4.53
CA ALA A 202 16.97 -14.93 -4.49
C ALA A 202 18.45 -14.89 -4.14
N SER A 203 19.19 -13.93 -4.69
CA SER A 203 20.61 -13.80 -4.44
C SER A 203 20.94 -12.90 -3.26
N GLY A 204 19.93 -12.34 -2.60
CA GLY A 204 20.18 -11.45 -1.48
C GLY A 204 20.84 -10.14 -1.87
N ASN A 205 20.48 -9.59 -3.02
CA ASN A 205 21.03 -8.31 -3.47
C ASN A 205 20.16 -7.17 -2.94
N TRP A 206 20.24 -6.98 -1.62
CA TRP A 206 19.34 -6.05 -0.94
C TRP A 206 19.62 -4.60 -1.31
N GLU A 207 20.89 -4.27 -1.59
CA GLU A 207 21.20 -2.91 -2.01
C GLU A 207 20.44 -2.52 -3.28
N LYS A 208 20.20 -3.51 -4.15
CA LYS A 208 19.38 -3.25 -5.33
C LYS A 208 17.97 -2.85 -4.94
N ILE A 209 17.39 -3.54 -3.95
CA ILE A 209 16.06 -3.18 -3.45
C ILE A 209 16.07 -1.75 -2.90
N THR A 210 17.07 -1.45 -2.07
CA THR A 210 17.19 -0.10 -1.51
C THR A 210 17.28 0.95 -2.61
N ASP A 211 18.04 0.65 -3.67
CA ASP A 211 18.28 1.65 -4.71
C ASP A 211 17.02 1.90 -5.53
N ILE A 212 16.32 0.84 -5.94
CA ILE A 212 15.08 1.02 -6.69
C ILE A 212 14.08 1.83 -5.87
N CYS A 213 13.92 1.48 -4.60
CA CYS A 213 13.02 2.23 -3.73
C CYS A 213 13.43 3.69 -3.61
N ALA A 214 14.71 3.93 -3.32
CA ALA A 214 15.21 5.30 -3.23
C ALA A 214 14.95 6.07 -4.52
N GLN A 215 15.25 5.44 -5.66
CA GLN A 215 15.08 6.12 -6.95
C GLN A 215 13.61 6.44 -7.21
N ALA A 216 12.72 5.48 -6.96
CA ALA A 216 11.30 5.72 -7.16
C ALA A 216 10.79 6.81 -6.23
N LEU A 217 11.17 6.74 -4.95
CA LEU A 217 10.76 7.78 -4.01
C LEU A 217 11.29 9.15 -4.42
N GLY A 218 12.51 9.19 -4.98
CA GLY A 218 13.07 10.46 -5.41
C GLY A 218 12.32 11.05 -6.60
N VAL A 219 11.91 10.19 -7.55
CA VAL A 219 11.12 10.68 -8.68
C VAL A 219 9.79 11.22 -8.19
N ILE A 220 9.14 10.52 -7.26
CA ILE A 220 7.87 10.99 -6.71
C ILE A 220 8.05 12.36 -6.05
N ARG A 221 9.19 12.56 -5.37
CA ARG A 221 9.39 13.77 -4.59
C ARG A 221 9.49 15.00 -5.49
N GLU A 222 10.27 14.93 -6.56
CA GLU A 222 10.37 16.08 -7.46
C GLU A 222 9.14 16.26 -8.32
N VAL A 223 8.37 15.19 -8.58
CA VAL A 223 7.07 15.36 -9.22
C VAL A 223 6.18 16.25 -8.37
N ARG A 224 6.34 16.19 -7.05
CA ARG A 224 5.53 16.95 -6.12
C ARG A 224 6.25 18.20 -5.62
#